data_3KX0
#
_entry.id   3KX0
#
_cell.length_a   59.609
_cell.length_b   59.609
_cell.length_c   173.327
_cell.angle_alpha   90.00
_cell.angle_beta   90.00
_cell.angle_gamma   120.00
#
_symmetry.space_group_name_H-M   'P 62 2 2'
#
loop_
_entity.id
_entity.type
_entity.pdbx_description
1 polymer 'Uncharacterized protein Rv1364c/MT1410'
2 non-polymer 'ISOPROPYL ALCOHOL'
3 water water
#
_entity_poly.entity_id   1
_entity_poly.type   'polypeptide(L)'
_entity_poly.pdbx_seq_one_letter_code
;(MSE)GSSHHHHHHSSGLVPRGSHAS(MSE)AAE(MSE)DWDKTVGAAEDVRRIFEHIPAILVGLEGPDHRFVAVNAAYR
GFSPLLDTVGQPAREVYPELEGQQIYE(MSE)LDRVYQTGEPQSGSEWRLQTDYDGSGVEERYFDFVVTPRRRADGSIEG
VQLIVDDVTSRVRARQAAEARVEELSERYRNVRDSATV(MSE)QQ
;
_entity_poly.pdbx_strand_id   X
#
loop_
_chem_comp.id
_chem_comp.type
_chem_comp.name
_chem_comp.formula
IPA non-polymer 'ISOPROPYL ALCOHOL' 'C3 H8 O'
#
# COMPACT_ATOMS: atom_id res chain seq x y z
N GLU A 26 3.83 0.95 27.67
CA GLU A 26 2.86 0.66 26.63
C GLU A 26 2.06 1.92 26.27
N MSE A 27 1.50 1.94 25.06
CA MSE A 27 0.76 3.11 24.55
C MSE A 27 -0.75 2.98 24.72
O MSE A 27 -1.32 1.90 24.53
CB MSE A 27 1.11 3.35 23.08
CG MSE A 27 0.29 4.42 22.37
SE MSE A 27 1.02 4.92 20.59
CE MSE A 27 0.95 3.20 19.69
N ASP A 28 -1.40 4.07 25.06
CA ASP A 28 -2.85 4.15 25.04
C ASP A 28 -3.29 4.67 23.67
N TRP A 29 -3.75 3.77 22.81
CA TRP A 29 -4.04 4.11 21.43
C TRP A 29 -5.13 5.16 21.29
N ASP A 30 -6.23 4.97 22.00
CA ASP A 30 -7.34 5.89 21.91
C ASP A 30 -6.91 7.33 22.17
N LYS A 31 -5.95 7.52 23.07
CA LYS A 31 -5.60 8.87 23.50
C LYS A 31 -4.41 9.41 22.75
N THR A 32 -3.61 8.50 22.23
CA THR A 32 -2.33 8.86 21.65
C THR A 32 -2.37 8.88 20.14
N VAL A 33 -3.08 7.92 19.55
CA VAL A 33 -3.26 7.92 18.10
C VAL A 33 -4.67 8.33 17.69
N GLY A 34 -5.66 7.94 18.48
CA GLY A 34 -7.03 8.28 18.18
C GLY A 34 -7.96 7.08 18.27
N ALA A 35 -9.26 7.36 18.30
CA ALA A 35 -10.27 6.32 18.37
C ALA A 35 -10.35 5.67 17.00
N ALA A 36 -10.66 4.38 16.97
CA ALA A 36 -10.52 3.59 15.75
C ALA A 36 -11.41 4.04 14.59
N GLU A 37 -12.68 4.32 14.87
CA GLU A 37 -13.61 4.75 13.82
C GLU A 37 -13.22 6.10 13.29
N ASP A 38 -12.67 6.94 14.17
CA ASP A 38 -12.28 8.28 13.80
C ASP A 38 -11.06 8.21 12.91
N VAL A 39 -10.08 7.43 13.34
CA VAL A 39 -8.86 7.24 12.58
C VAL A 39 -9.14 6.62 11.22
N ARG A 40 -10.05 5.64 11.17
CA ARG A 40 -10.45 5.11 9.88
C ARG A 40 -11.03 6.19 8.96
N ARG A 41 -11.89 7.04 9.51
CA ARG A 41 -12.51 8.08 8.70
C ARG A 41 -11.47 9.10 8.19
N ILE A 42 -10.45 9.40 8.99
CA ILE A 42 -9.37 10.29 8.56
C ILE A 42 -8.60 9.66 7.41
N PHE A 43 -8.17 8.42 7.61
CA PHE A 43 -7.48 7.60 6.61
C PHE A 43 -8.20 7.59 5.26
N GLU A 44 -9.52 7.42 5.29
CA GLU A 44 -10.32 7.38 4.08
C GLU A 44 -10.11 8.63 3.26
N HIS A 45 -9.90 9.74 3.96
CA HIS A 45 -9.89 11.05 3.35
C HIS A 45 -8.48 11.65 3.18
N ILE A 46 -7.46 10.97 3.67
CA ILE A 46 -6.09 11.46 3.48
C ILE A 46 -5.84 11.65 1.98
N PRO A 47 -5.38 12.85 1.60
CA PRO A 47 -5.15 13.18 0.19
C PRO A 47 -3.83 12.58 -0.33
N ALA A 48 -3.74 11.26 -0.35
CA ALA A 48 -2.60 10.53 -0.88
C ALA A 48 -3.08 9.11 -1.02
N ILE A 49 -2.45 8.33 -1.89
CA ILE A 49 -2.85 6.95 -2.13
C ILE A 49 -2.25 6.08 -1.05
N LEU A 50 -3.11 5.44 -0.25
CA LEU A 50 -2.66 4.61 0.89
C LEU A 50 -3.22 3.20 0.86
N VAL A 51 -2.39 2.23 1.21
CA VAL A 51 -2.79 0.83 1.22
C VAL A 51 -2.14 0.11 2.39
N GLY A 52 -2.91 -0.74 3.05
CA GLY A 52 -2.37 -1.64 4.05
C GLY A 52 -2.63 -3.07 3.66
N LEU A 53 -1.61 -3.91 3.82
CA LEU A 53 -1.71 -5.33 3.51
C LEU A 53 -1.31 -6.17 4.73
N GLU A 54 -1.82 -7.39 4.80
CA GLU A 54 -1.49 -8.33 5.88
C GLU A 54 -1.12 -9.73 5.49
N GLY A 55 -0.14 -10.30 6.17
CA GLY A 55 0.16 -11.70 5.97
C GLY A 55 0.98 -11.96 4.72
N PRO A 56 1.47 -13.20 4.59
CA PRO A 56 2.41 -13.59 3.53
C PRO A 56 1.79 -13.51 2.15
N ASP A 57 0.47 -13.39 2.07
CA ASP A 57 -0.20 -13.28 0.78
C ASP A 57 -0.71 -11.88 0.50
N HIS A 58 -0.27 -10.93 1.33
CA HIS A 58 -0.59 -9.53 1.11
C HIS A 58 -2.08 -9.29 0.91
N ARG A 59 -2.87 -9.72 1.89
CA ARG A 59 -4.30 -9.48 1.83
C ARG A 59 -4.60 -8.02 2.10
N PHE A 60 -5.51 -7.45 1.32
CA PHE A 60 -5.91 -6.06 1.54
C PHE A 60 -6.54 -5.91 2.91
N VAL A 61 -6.09 -4.90 3.64
CA VAL A 61 -6.57 -4.67 5.01
C VAL A 61 -7.11 -3.24 5.17
N ALA A 62 -6.69 -2.34 4.29
CA ALA A 62 -7.10 -0.93 4.33
C ALA A 62 -6.75 -0.27 3.03
N VAL A 63 -7.72 0.44 2.46
CA VAL A 63 -7.49 1.22 1.25
C VAL A 63 -8.42 2.42 1.31
N ASN A 64 -7.89 3.58 0.96
CA ASN A 64 -8.66 4.81 1.08
C ASN A 64 -9.25 5.25 -0.26
N ALA A 65 -9.95 6.38 -0.26
CA ALA A 65 -10.64 6.85 -1.47
C ALA A 65 -9.68 7.14 -2.62
N ALA A 66 -8.53 7.70 -2.31
CA ALA A 66 -7.54 7.97 -3.34
C ALA A 66 -7.10 6.66 -3.99
N TYR A 67 -6.82 5.66 -3.17
CA TYR A 67 -6.48 4.35 -3.73
C TYR A 67 -7.60 3.81 -4.63
N ARG A 68 -8.84 3.83 -4.13
CA ARG A 68 -9.94 3.25 -4.90
C ARG A 68 -10.17 4.07 -6.17
N GLY A 69 -9.80 5.34 -6.15
CA GLY A 69 -9.89 6.16 -7.34
C GLY A 69 -8.90 5.70 -8.41
N PHE A 70 -7.73 5.29 -7.95
CA PHE A 70 -6.65 4.88 -8.85
C PHE A 70 -6.90 3.46 -9.36
N SER A 71 -7.75 2.73 -8.64
CA SER A 71 -8.17 1.40 -9.04
C SER A 71 -9.63 1.18 -8.63
N PRO A 72 -10.53 1.30 -9.59
CA PRO A 72 -11.97 1.23 -9.31
C PRO A 72 -12.53 -0.18 -9.14
N LEU A 73 -11.71 -1.12 -8.67
CA LEU A 73 -12.13 -2.48 -8.33
C LEU A 73 -12.37 -2.51 -6.84
N LEU A 74 -13.62 -2.57 -6.41
CA LEU A 74 -13.86 -2.43 -4.98
C LEU A 74 -14.39 -3.66 -4.25
N ASP A 75 -14.99 -3.44 -3.08
CA ASP A 75 -15.42 -4.52 -2.22
C ASP A 75 -14.27 -5.51 -2.06
N THR A 76 -13.12 -4.98 -1.65
CA THR A 76 -11.83 -5.60 -1.95
C THR A 76 -11.07 -6.10 -0.73
N VAL A 77 -11.44 -5.61 0.44
CA VAL A 77 -10.74 -5.97 1.67
C VAL A 77 -10.78 -7.49 1.90
N GLY A 78 -9.68 -8.06 2.36
CA GLY A 78 -9.60 -9.46 2.69
C GLY A 78 -8.90 -10.34 1.66
N GLN A 79 -9.02 -9.99 0.39
CA GLN A 79 -8.44 -10.79 -0.69
C GLN A 79 -6.95 -10.57 -0.86
N PRO A 80 -6.22 -11.60 -1.32
CA PRO A 80 -4.79 -11.43 -1.59
C PRO A 80 -4.59 -10.54 -2.80
N ALA A 81 -3.64 -9.62 -2.72
CA ALA A 81 -3.34 -8.73 -3.84
C ALA A 81 -3.22 -9.49 -5.16
N ARG A 82 -2.30 -10.45 -5.22
CA ARG A 82 -2.06 -11.18 -6.46
C ARG A 82 -3.35 -11.71 -7.06
N GLU A 83 -4.41 -11.75 -6.26
CA GLU A 83 -5.67 -12.34 -6.68
C GLU A 83 -6.62 -11.33 -7.30
N VAL A 84 -6.44 -10.06 -6.97
CA VAL A 84 -7.27 -9.03 -7.55
C VAL A 84 -6.53 -8.34 -8.70
N TYR A 85 -5.19 -8.40 -8.65
CA TYR A 85 -4.36 -7.87 -9.73
C TYR A 85 -3.43 -8.94 -10.31
N PRO A 86 -4.00 -9.99 -10.91
CA PRO A 86 -3.19 -11.05 -11.48
C PRO A 86 -2.51 -10.65 -12.79
N GLU A 87 -2.98 -9.58 -13.43
CA GLU A 87 -2.38 -9.14 -14.69
C GLU A 87 -0.91 -8.78 -14.49
N LEU A 88 -0.53 -8.54 -13.24
CA LEU A 88 0.89 -8.48 -12.88
C LEU A 88 1.18 -9.77 -12.13
N GLU A 89 2.44 -10.15 -11.99
CA GLU A 89 2.76 -11.38 -11.26
C GLU A 89 4.19 -11.42 -10.74
N GLY A 90 4.32 -11.27 -9.42
CA GLY A 90 5.61 -11.23 -8.78
C GLY A 90 6.62 -10.48 -9.63
N GLN A 91 6.17 -9.47 -10.37
CA GLN A 91 7.06 -8.80 -11.32
C GLN A 91 6.70 -7.34 -11.62
N GLN A 92 7.50 -6.46 -11.04
CA GLN A 92 8.52 -6.95 -10.12
C GLN A 92 8.16 -6.45 -8.74
N ILE A 93 6.89 -6.14 -8.60
CA ILE A 93 6.36 -5.54 -7.42
C ILE A 93 6.02 -6.58 -6.33
N TYR A 94 5.20 -7.57 -6.62
CA TYR A 94 4.89 -8.58 -5.61
C TYR A 94 6.12 -9.10 -4.95
N GLU A 95 7.23 -9.04 -5.65
CA GLU A 95 8.42 -9.69 -5.19
C GLU A 95 9.09 -8.80 -4.21
N MSE A 96 8.81 -7.53 -4.35
CA MSE A 96 9.38 -6.58 -3.42
C MSE A 96 8.46 -6.43 -2.21
O MSE A 96 8.88 -6.05 -1.16
CB MSE A 96 9.66 -5.28 -4.15
CG MSE A 96 8.48 -4.51 -4.39
SE MSE A 96 8.58 -3.16 -3.11
CE MSE A 96 10.07 -2.25 -3.87
N LEU A 97 7.21 -6.77 -2.36
CA LEU A 97 6.31 -6.85 -1.22
C LEU A 97 6.74 -8.02 -0.36
N ASP A 98 7.07 -9.13 -1.02
CA ASP A 98 7.63 -10.29 -0.35
C ASP A 98 8.90 -9.95 0.42
N ARG A 99 9.81 -9.23 -0.24
CA ARG A 99 11.08 -8.90 0.39
C ARG A 99 10.92 -8.05 1.65
N VAL A 100 10.00 -7.10 1.60
CA VAL A 100 9.69 -6.29 2.77
C VAL A 100 9.04 -7.15 3.87
N TYR A 101 8.14 -8.05 3.46
CA TYR A 101 7.46 -8.91 4.41
C TYR A 101 8.44 -9.88 5.07
N GLN A 102 9.24 -10.56 4.26
CA GLN A 102 10.22 -11.52 4.75
C GLN A 102 11.35 -10.89 5.56
N THR A 103 11.93 -9.81 5.05
CA THR A 103 13.16 -9.27 5.62
C THR A 103 12.96 -8.04 6.49
N GLY A 104 11.83 -7.38 6.33
CA GLY A 104 11.57 -6.15 7.06
C GLY A 104 12.36 -4.95 6.55
N GLU A 105 13.07 -5.12 5.43
CA GLU A 105 13.78 -4.01 4.80
C GLU A 105 12.82 -3.12 4.01
N PRO A 106 12.74 -1.84 4.38
CA PRO A 106 11.87 -0.93 3.61
C PRO A 106 12.27 -0.86 2.13
N GLN A 107 11.29 -0.70 1.24
CA GLN A 107 11.62 -0.55 -0.19
C GLN A 107 10.91 0.64 -0.83
N SER A 108 11.66 1.34 -1.69
CA SER A 108 11.21 2.51 -2.43
C SER A 108 11.30 2.22 -3.91
N GLY A 109 10.32 2.71 -4.66
CA GLY A 109 10.39 2.67 -6.10
C GLY A 109 10.32 4.08 -6.65
N SER A 110 10.90 4.29 -7.82
CA SER A 110 10.81 5.58 -8.48
C SER A 110 10.31 5.43 -9.92
N GLU A 111 9.16 6.03 -10.19
CA GLU A 111 8.65 6.17 -11.55
C GLU A 111 8.42 4.84 -12.25
N TRP A 112 7.65 3.96 -11.63
CA TRP A 112 7.36 2.67 -12.23
C TRP A 112 6.15 2.72 -13.16
N ARG A 113 6.34 2.26 -14.39
CA ARG A 113 5.27 2.24 -15.38
C ARG A 113 4.21 1.20 -15.04
N LEU A 114 2.96 1.50 -15.36
CA LEU A 114 1.85 0.59 -15.08
C LEU A 114 0.74 0.77 -16.10
N GLN A 115 0.58 -0.23 -16.98
CA GLN A 115 -0.41 -0.17 -18.05
C GLN A 115 -1.78 -0.62 -17.56
N GLU A 124 -4.45 3.09 -19.99
CA GLU A 124 -3.45 4.09 -20.32
C GLU A 124 -2.06 3.69 -19.81
N GLU A 125 -1.18 4.67 -19.67
CA GLU A 125 0.22 4.42 -19.32
C GLU A 125 0.70 5.40 -18.24
N ARG A 126 0.88 4.90 -17.02
CA ARG A 126 1.18 5.75 -15.87
C ARG A 126 2.53 5.46 -15.18
N TYR A 127 2.99 6.40 -14.36
CA TYR A 127 4.24 6.26 -13.61
C TYR A 127 4.06 6.55 -12.12
N PHE A 128 4.63 5.71 -11.26
CA PHE A 128 4.39 5.82 -9.82
C PHE A 128 5.65 5.78 -8.98
N ASP A 129 5.74 6.70 -8.02
CA ASP A 129 6.69 6.57 -6.91
C ASP A 129 5.97 5.91 -5.75
N PHE A 130 6.71 5.22 -4.88
CA PHE A 130 6.13 4.55 -3.73
C PHE A 130 7.18 4.21 -2.67
N VAL A 131 6.70 4.04 -1.44
CA VAL A 131 7.51 3.47 -0.37
C VAL A 131 6.70 2.39 0.34
N VAL A 132 7.31 1.22 0.52
CA VAL A 132 6.71 0.13 1.24
C VAL A 132 7.48 -0.12 2.51
N THR A 133 6.79 -0.13 3.65
CA THR A 133 7.44 -0.45 4.91
C THR A 133 6.79 -1.65 5.59
N PRO A 134 7.53 -2.33 6.48
CA PRO A 134 6.99 -3.43 7.27
C PRO A 134 6.15 -2.92 8.44
N ARG A 135 5.29 -3.79 8.93
CA ARG A 135 4.50 -3.52 10.14
C ARG A 135 4.80 -4.63 11.12
N ARG A 136 5.33 -4.26 12.28
CA ARG A 136 5.72 -5.26 13.28
C ARG A 136 4.73 -5.35 14.42
N ARG A 137 4.53 -6.56 14.93
CA ARG A 137 3.73 -6.77 16.13
C ARG A 137 4.56 -6.34 17.33
N ALA A 138 3.97 -6.34 18.51
CA ALA A 138 4.73 -6.03 19.71
C ALA A 138 5.85 -7.03 19.93
N ASP A 139 5.68 -8.25 19.42
CA ASP A 139 6.69 -9.26 19.67
C ASP A 139 7.85 -9.14 18.69
N GLY A 140 7.78 -8.14 17.81
CA GLY A 140 8.86 -7.88 16.87
C GLY A 140 8.69 -8.59 15.54
N SER A 141 7.63 -9.38 15.41
CA SER A 141 7.41 -10.16 14.19
C SER A 141 6.66 -9.34 13.17
N ILE A 142 6.82 -9.71 11.90
CA ILE A 142 6.20 -8.94 10.83
C ILE A 142 4.82 -9.46 10.49
N GLU A 143 3.87 -8.54 10.52
CA GLU A 143 2.45 -8.82 10.41
C GLU A 143 1.98 -8.55 8.98
N GLY A 144 2.58 -7.55 8.34
CA GLY A 144 2.20 -7.15 7.00
C GLY A 144 3.04 -5.99 6.51
N VAL A 145 2.52 -5.26 5.53
CA VAL A 145 3.20 -4.07 5.03
C VAL A 145 2.17 -3.01 4.70
N GLN A 146 2.63 -1.77 4.54
CA GLN A 146 1.76 -0.72 4.05
C GLN A 146 2.54 0.21 3.11
N LEU A 147 1.81 0.92 2.25
CA LEU A 147 2.42 1.73 1.22
C LEU A 147 1.75 3.08 1.10
N ILE A 148 2.55 4.07 0.73
CA ILE A 148 2.04 5.30 0.16
C ILE A 148 2.52 5.37 -1.29
N VAL A 149 1.59 5.65 -2.19
CA VAL A 149 1.89 5.71 -3.60
C VAL A 149 1.64 7.12 -4.11
N ASP A 150 2.43 7.49 -5.11
CA ASP A 150 2.38 8.84 -5.67
C ASP A 150 2.35 8.74 -7.21
N ASP A 151 1.30 9.29 -7.82
CA ASP A 151 1.24 9.29 -9.28
C ASP A 151 2.07 10.42 -9.89
N VAL A 152 3.14 10.08 -10.60
CA VAL A 152 4.09 11.07 -11.10
C VAL A 152 4.16 11.12 -12.62
N THR A 153 3.09 10.70 -13.26
CA THR A 153 3.00 10.59 -14.70
C THR A 153 3.32 11.91 -15.38
N SER A 154 2.76 12.98 -14.84
CA SER A 154 2.85 14.27 -15.51
C SER A 154 4.26 14.81 -15.40
N ARG A 155 4.97 14.33 -14.42
CA ARG A 155 6.33 14.72 -14.25
C ARG A 155 7.24 14.05 -15.24
N VAL A 156 7.00 12.80 -15.55
CA VAL A 156 7.87 12.22 -16.52
C VAL A 156 7.45 12.63 -17.89
N ARG A 157 6.14 12.66 -18.11
CA ARG A 157 5.59 13.05 -19.41
C ARG A 157 6.05 14.45 -19.81
N ALA A 158 6.63 15.17 -18.85
CA ALA A 158 7.11 16.51 -19.09
C ALA A 158 8.59 16.51 -19.48
N ARG A 159 9.01 15.45 -20.17
CA ARG A 159 10.40 15.33 -20.60
C ARG A 159 10.51 15.37 -22.12
N GLN A 160 10.51 16.59 -22.67
CA GLN A 160 10.61 16.77 -24.11
C GLN A 160 12.05 17.02 -24.53
C1 IPA B . 1.21 -1.13 -5.79
C2 IPA B . 1.34 -0.21 -7.00
C3 IPA B . 0.85 -0.95 -8.22
O2 IPA B . 2.68 0.15 -7.20
#